data_6X7O
#
_entry.id   6X7O
#
_cell.length_a   61.110
_cell.length_b   61.110
_cell.length_c   312.261
_cell.angle_alpha   90.00
_cell.angle_beta   90.00
_cell.angle_gamma   120.00
#
_symmetry.space_group_name_H-M   'P 61 2 2'
#
loop_
_entity.id
_entity.type
_entity.pdbx_description
1 polymer 'Bifunctional methylmalonyl-CoA:ACP acyltransferase/decarboxylase'
2 non-polymer (2S)-sulfonatepropionyl-CoA
3 non-polymer (2R)-sulfonatepropionyl-CoA
4 non-polymer 'SULFATE ION'
5 water water
#
_entity_poly.entity_id   1
_entity_poly.type   'polypeptide(L)'
_entity_poly.pdbx_seq_one_letter_code
;STITSSLDVRPEIKQAVTVRPGMCGPGSLFVGQLGDWTWETVSAQCDTDVFAARDASGNPTYLAFYYFRVRGGRELHPGS
LTFGDRLTVTSGCYDQGTESVLTLHRIDRAGSDDAQRPLDLHEFYERPRDGSLYVENFNRWVTRSAPGSNEDLVKSSPPG
FRNDGLPQLPAAYSPRAVYREARTAHTFRALDEPGFRLLPDTVEVEHPVDIVRDVNGVGLLYFASYFSMVDKAALALWRR
LGRSDRAFLRRVVVDQQMCYLGNADLDSVLTLGARVRVSTETPGEELVDVVISDRDSGRVIAVSTLHTQHDAHDPKGEA
;
_entity_poly.pdbx_strand_id   A
#
loop_
_chem_comp.id
_chem_comp.type
_chem_comp.name
_chem_comp.formula
SO4 non-polymer 'SULFATE ION' 'O4 S -2'
YXR non-polymer (2R)-sulfonatepropionyl-CoA 'C24 H40 N7 O20 P3 S2'
YXS non-polymer (2S)-sulfonatepropionyl-CoA 'C24 H40 N7 O20 P3 S2'
#
# COMPACT_ATOMS: atom_id res chain seq x y z
N ARG A 10 12.73 -13.56 -16.58
CA ARG A 10 13.07 -13.52 -15.12
C ARG A 10 12.01 -14.31 -14.38
N PRO A 11 12.37 -15.38 -13.62
CA PRO A 11 11.34 -16.19 -12.98
C PRO A 11 10.66 -15.38 -11.86
N GLU A 12 9.39 -15.70 -11.64
CA GLU A 12 8.65 -15.25 -10.43
C GLU A 12 9.33 -15.85 -9.19
N ILE A 13 9.22 -15.16 -8.07
CA ILE A 13 9.77 -15.69 -6.81
C ILE A 13 8.66 -16.29 -5.96
N LYS A 14 8.82 -17.56 -5.61
CA LYS A 14 7.87 -18.27 -4.71
C LYS A 14 8.59 -18.43 -3.36
N GLN A 15 7.87 -18.20 -2.27
CA GLN A 15 8.42 -18.32 -0.90
C GLN A 15 7.37 -19.03 -0.06
N ALA A 16 7.83 -19.90 0.85
CA ALA A 16 7.02 -20.47 1.94
C ALA A 16 7.30 -19.57 3.15
N VAL A 17 6.24 -18.99 3.69
CA VAL A 17 6.40 -17.99 4.80
C VAL A 17 5.59 -18.45 5.99
N THR A 18 6.21 -18.50 7.18
CA THR A 18 5.51 -18.70 8.46
C THR A 18 5.27 -17.34 9.11
N VAL A 19 4.03 -17.05 9.40
CA VAL A 19 3.69 -15.71 9.94
C VAL A 19 4.39 -15.49 11.28
N ARG A 20 5.17 -14.41 11.34
CA ARG A 20 5.98 -14.02 12.51
C ARG A 20 5.31 -12.82 13.19
N PRO A 21 5.61 -12.59 14.47
CA PRO A 21 5.11 -11.39 15.16
C PRO A 21 5.43 -10.10 14.42
N GLY A 22 6.57 -10.04 13.75
CA GLY A 22 7.04 -8.86 13.03
C GLY A 22 6.36 -8.61 11.70
N MET A 23 5.31 -9.37 11.32
CA MET A 23 4.63 -9.14 10.03
C MET A 23 3.11 -9.30 10.15
N CYS A 24 2.50 -9.13 11.33
CA CYS A 24 1.02 -9.22 11.46
C CYS A 24 0.48 -8.36 12.59
N GLY A 25 -0.82 -8.42 12.78
CA GLY A 25 -1.50 -7.68 13.86
C GLY A 25 -2.12 -6.42 13.32
N PRO A 26 -2.77 -5.63 14.21
CA PRO A 26 -3.59 -4.50 13.75
C PRO A 26 -2.80 -3.24 13.38
N GLY A 27 -1.49 -3.29 13.50
CA GLY A 27 -0.59 -2.22 13.07
C GLY A 27 -0.18 -2.34 11.62
N SER A 28 0.96 -1.74 11.29
CA SER A 28 1.44 -1.64 9.88
C SER A 28 2.55 -2.67 9.58
N LEU A 29 2.74 -3.70 10.44
CA LEU A 29 3.89 -4.63 10.21
C LEU A 29 3.71 -5.48 8.95
N PHE A 30 2.49 -5.89 8.63
CA PHE A 30 2.26 -6.71 7.40
C PHE A 30 2.59 -5.89 6.17
N VAL A 31 2.10 -4.62 6.08
CA VAL A 31 2.44 -3.79 4.90
CA VAL A 31 2.42 -3.69 4.98
C VAL A 31 3.95 -3.50 4.90
N GLY A 32 4.59 -3.38 6.07
CA GLY A 32 6.06 -3.23 6.10
C GLY A 32 6.78 -4.44 5.46
N GLN A 33 6.27 -5.62 5.77
CA GLN A 33 6.87 -6.84 5.19
C GLN A 33 6.61 -6.89 3.68
N LEU A 34 5.40 -6.56 3.26
CA LEU A 34 5.13 -6.52 1.81
C LEU A 34 6.09 -5.58 1.08
N GLY A 35 6.37 -4.40 1.63
CA GLY A 35 7.27 -3.48 0.97
C GLY A 35 8.71 -4.03 0.92
N ASP A 36 9.14 -4.69 1.98
CA ASP A 36 10.51 -5.30 1.93
C ASP A 36 10.53 -6.37 0.83
N TRP A 37 9.48 -7.19 0.73
CA TRP A 37 9.38 -8.19 -0.37
C TRP A 37 9.40 -7.50 -1.74
N THR A 38 8.77 -6.34 -1.91
CA THR A 38 8.86 -5.61 -3.18
C THR A 38 10.33 -5.26 -3.48
N TRP A 39 11.07 -4.70 -2.53
CA TRP A 39 12.47 -4.28 -2.76
C TRP A 39 13.31 -5.55 -3.09
N GLU A 40 13.02 -6.68 -2.46
CA GLU A 40 13.78 -7.93 -2.77
C GLU A 40 13.46 -8.38 -4.20
N THR A 41 12.19 -8.32 -4.58
CA THR A 41 11.73 -8.86 -5.88
C THR A 41 12.32 -8.04 -7.00
N VAL A 42 12.24 -6.71 -6.92
CA VAL A 42 12.81 -5.79 -7.91
C VAL A 42 14.33 -6.05 -7.97
N SER A 43 15.00 -6.18 -6.82
CA SER A 43 16.47 -6.42 -6.82
C SER A 43 16.77 -7.66 -7.66
N ALA A 44 16.03 -8.71 -7.46
CA ALA A 44 16.26 -10.03 -8.11
C ALA A 44 15.98 -9.89 -9.62
N GLN A 45 14.89 -9.23 -10.00
CA GLN A 45 14.41 -9.26 -11.41
C GLN A 45 15.06 -8.15 -12.25
N CYS A 46 15.60 -7.09 -11.66
CA CYS A 46 16.05 -5.87 -12.36
C CYS A 46 17.56 -5.64 -12.22
N ASP A 47 18.27 -6.66 -11.69
CA ASP A 47 19.76 -6.70 -11.55
C ASP A 47 20.32 -5.42 -10.92
N THR A 48 19.67 -4.94 -9.85
CA THR A 48 19.98 -3.68 -9.16
C THR A 48 19.84 -3.99 -7.66
N ASP A 49 20.78 -3.52 -6.86
CA ASP A 49 20.64 -3.66 -5.39
C ASP A 49 19.78 -2.49 -4.95
N VAL A 50 18.49 -2.71 -4.83
CA VAL A 50 17.56 -1.60 -4.49
C VAL A 50 17.89 -1.01 -3.11
N PHE A 51 18.39 -1.87 -2.21
CA PHE A 51 18.63 -1.48 -0.81
C PHE A 51 19.76 -0.47 -0.76
N ALA A 52 20.73 -0.53 -1.69
CA ALA A 52 21.93 0.32 -1.69
C ALA A 52 22.02 1.14 -2.98
N ALA A 53 20.92 1.51 -3.58
CA ALA A 53 20.96 2.12 -4.93
C ALA A 53 21.47 3.55 -4.87
N ARG A 54 22.25 3.95 -5.88
CA ARG A 54 22.81 5.32 -6.01
C ARG A 54 22.72 5.71 -7.47
N ASP A 55 22.56 7.00 -7.75
CA ASP A 55 22.64 7.51 -9.14
C ASP A 55 24.12 7.68 -9.54
N ALA A 56 24.40 8.32 -10.67
CA ALA A 56 25.77 8.35 -11.23
C ALA A 56 26.67 9.27 -10.40
N SER A 57 26.11 10.26 -9.71
CA SER A 57 26.90 11.18 -8.85
C SER A 57 27.08 10.55 -7.47
N GLY A 58 26.57 9.33 -7.25
CA GLY A 58 26.66 8.62 -5.96
C GLY A 58 25.63 9.10 -4.93
N ASN A 59 24.61 9.85 -5.35
CA ASN A 59 23.51 10.27 -4.45
C ASN A 59 22.60 9.06 -4.26
N PRO A 60 22.14 8.79 -3.01
CA PRO A 60 21.26 7.65 -2.78
C PRO A 60 19.96 7.86 -3.55
N THR A 61 19.42 6.78 -4.10
CA THR A 61 18.12 6.82 -4.79
C THR A 61 17.24 5.74 -4.18
N TYR A 62 16.03 6.13 -3.86
CA TYR A 62 15.09 5.26 -3.11
C TYR A 62 13.96 4.82 -4.03
N LEU A 63 13.60 3.56 -3.99
CA LEU A 63 12.48 3.03 -4.80
C LEU A 63 11.19 3.30 -4.00
N ALA A 64 10.74 4.54 -4.06
CA ALA A 64 9.62 5.05 -3.21
C ALA A 64 8.29 4.37 -3.56
N PHE A 65 7.48 4.12 -2.54
CA PHE A 65 6.10 3.59 -2.72
C PHE A 65 5.27 4.76 -3.23
N TYR A 66 4.47 4.53 -4.27
CA TYR A 66 3.59 5.58 -4.85
C TYR A 66 2.15 5.10 -4.84
N TYR A 67 1.86 3.89 -5.29
CA TYR A 67 0.47 3.32 -5.25
C TYR A 67 0.56 1.94 -4.62
N PHE A 68 -0.33 1.65 -3.69
CA PHE A 68 -0.29 0.41 -2.89
C PHE A 68 -1.69 -0.10 -2.73
N ARG A 69 -1.95 -1.33 -3.15
CA ARG A 69 -3.23 -1.98 -2.89
C ARG A 69 -3.04 -3.33 -2.20
N VAL A 70 -3.89 -3.61 -1.25
CA VAL A 70 -4.04 -4.92 -0.60
C VAL A 70 -5.50 -5.32 -0.72
N ARG A 71 -5.77 -6.35 -1.52
CA ARG A 71 -7.16 -6.79 -1.72
C ARG A 71 -7.28 -8.24 -1.20
N GLY A 72 -8.21 -8.41 -0.29
CA GLY A 72 -8.51 -9.74 0.29
C GLY A 72 -9.98 -10.03 0.18
N GLY A 73 -10.53 -10.46 1.27
CA GLY A 73 -11.95 -10.83 1.39
C GLY A 73 -12.20 -11.52 2.71
N ARG A 74 -13.44 -11.91 2.94
CA ARG A 74 -13.86 -12.52 4.21
C ARG A 74 -12.98 -13.75 4.48
N GLU A 75 -12.64 -14.54 3.47
CA GLU A 75 -11.91 -15.82 3.69
C GLU A 75 -10.43 -15.60 3.97
N LEU A 76 -9.82 -14.53 3.47
CA LEU A 76 -8.41 -14.24 3.84
C LEU A 76 -8.21 -12.74 3.72
N HIS A 77 -7.91 -12.08 4.83
CA HIS A 77 -7.66 -10.64 4.87
C HIS A 77 -6.50 -10.45 5.83
N PRO A 78 -5.87 -9.25 5.91
CA PRO A 78 -4.69 -9.15 6.76
C PRO A 78 -4.97 -9.48 8.23
N GLY A 79 -6.17 -9.19 8.72
CA GLY A 79 -6.53 -9.53 10.11
C GLY A 79 -6.71 -11.02 10.37
N SER A 80 -6.79 -11.86 9.33
CA SER A 80 -6.91 -13.34 9.40
C SER A 80 -5.57 -13.90 9.85
N LEU A 81 -4.46 -13.16 9.70
CA LEU A 81 -3.11 -13.75 9.84
C LEU A 81 -2.72 -13.78 11.32
N THR A 82 -2.36 -14.95 11.83
CA THR A 82 -1.88 -15.08 13.24
C THR A 82 -0.57 -15.85 13.26
N PHE A 83 0.09 -15.75 14.39
CA PHE A 83 1.42 -16.37 14.56
C PHE A 83 1.36 -17.83 14.08
N GLY A 84 2.33 -18.21 13.29
CA GLY A 84 2.55 -19.62 12.91
C GLY A 84 1.77 -20.02 11.66
N ASP A 85 0.84 -19.20 11.16
CA ASP A 85 0.15 -19.55 9.89
C ASP A 85 1.18 -19.79 8.80
N ARG A 86 0.95 -20.81 7.98
CA ARG A 86 1.83 -21.13 6.85
C ARG A 86 1.22 -20.54 5.56
N LEU A 87 1.99 -19.70 4.90
CA LEU A 87 1.57 -19.03 3.65
C LEU A 87 2.47 -19.46 2.50
N THR A 88 1.97 -19.24 1.27
CA THR A 88 2.73 -19.25 0.02
CA THR A 88 2.86 -19.20 0.09
C THR A 88 2.70 -17.82 -0.56
N VAL A 89 3.83 -17.30 -0.97
CA VAL A 89 3.92 -15.94 -1.56
C VAL A 89 4.51 -16.10 -2.94
N THR A 90 3.85 -15.54 -3.95
CA THR A 90 4.34 -15.50 -5.34
C THR A 90 4.47 -14.07 -5.78
N SER A 91 5.67 -13.67 -6.19
CA SER A 91 6.02 -12.27 -6.47
C SER A 91 6.64 -12.10 -7.84
N GLY A 92 6.37 -10.97 -8.48
CA GLY A 92 6.96 -10.64 -9.79
C GLY A 92 6.76 -9.21 -10.16
N CYS A 93 7.61 -8.70 -10.99
CA CYS A 93 7.60 -7.32 -11.51
C CYS A 93 7.11 -7.25 -12.96
N TYR A 94 6.54 -6.10 -13.26
CA TYR A 94 5.95 -5.71 -14.57
C TYR A 94 6.58 -4.41 -14.98
N ASP A 95 6.93 -4.32 -16.27
CA ASP A 95 7.62 -3.14 -16.84
C ASP A 95 6.73 -1.90 -16.77
N GLN A 96 7.24 -0.82 -16.21
CA GLN A 96 6.60 0.51 -16.20
C GLN A 96 7.60 1.55 -16.67
N GLY A 97 8.62 1.09 -17.40
CA GLY A 97 9.69 1.98 -17.90
C GLY A 97 10.91 1.97 -16.98
N THR A 98 11.69 3.03 -17.07
CA THR A 98 12.99 3.12 -16.37
C THR A 98 12.82 3.84 -15.03
N GLU A 99 11.73 4.55 -14.78
CA GLU A 99 11.69 5.39 -13.55
C GLU A 99 10.71 4.80 -12.52
N SER A 100 10.03 3.72 -12.88
CA SER A 100 8.91 3.15 -12.10
C SER A 100 8.90 1.66 -12.39
N VAL A 101 8.28 0.91 -11.50
CA VAL A 101 8.11 -0.53 -11.64
C VAL A 101 6.92 -0.96 -10.81
N LEU A 102 6.17 -1.87 -11.35
CA LEU A 102 5.02 -2.46 -10.67
C LEU A 102 5.46 -3.82 -10.14
N THR A 103 5.22 -4.08 -8.84
CA THR A 103 5.45 -5.44 -8.26
C THR A 103 4.14 -5.99 -7.75
N LEU A 104 3.85 -7.25 -8.04
CA LEU A 104 2.67 -7.96 -7.58
C LEU A 104 3.12 -9.03 -6.60
N HIS A 105 2.31 -9.24 -5.58
CA HIS A 105 2.44 -10.38 -4.67
C HIS A 105 1.09 -11.02 -4.52
N ARG A 106 1.02 -12.35 -4.65
CA ARG A 106 -0.15 -13.10 -4.28
C ARG A 106 0.18 -13.92 -3.04
N ILE A 107 -0.72 -13.93 -2.09
CA ILE A 107 -0.58 -14.66 -0.83
C ILE A 107 -1.74 -15.61 -0.70
N ASP A 108 -1.38 -16.90 -0.55
CA ASP A 108 -2.35 -17.98 -0.30
C ASP A 108 -2.00 -18.72 0.99
N ARG A 109 -2.98 -19.35 1.61
CA ARG A 109 -2.65 -20.33 2.68
C ARG A 109 -1.87 -21.47 2.02
N ALA A 110 -0.81 -21.93 2.68
N ALA A 110 -0.78 -21.94 2.62
CA ALA A 110 -0.02 -23.10 2.25
CA ALA A 110 0.14 -22.90 1.95
C ALA A 110 -0.96 -24.31 2.12
C ALA A 110 -0.58 -24.21 1.59
N GLY A 111 -0.79 -25.07 1.05
N GLY A 111 -1.73 -24.49 2.22
CA GLY A 111 -1.49 -26.35 0.82
CA GLY A 111 -2.46 -25.77 2.10
C GLY A 111 -2.83 -26.14 0.16
C GLY A 111 -3.59 -25.73 1.08
N SER A 112 -3.30 -24.89 0.08
N SER A 112 -3.86 -24.57 0.49
CA SER A 112 -4.65 -24.56 -0.47
CA SER A 112 -4.98 -24.33 -0.46
C SER A 112 -4.65 -24.96 -1.96
C SER A 112 -4.72 -25.05 -1.79
N ASP A 113 -5.82 -25.29 -2.52
CA ASP A 113 -5.84 -25.80 -3.93
C ASP A 113 -5.23 -24.74 -4.87
N ASP A 114 -4.28 -25.18 -5.68
CA ASP A 114 -3.64 -24.38 -6.76
C ASP A 114 -2.89 -23.17 -6.19
N ALA A 115 -2.38 -23.24 -4.96
CA ALA A 115 -1.46 -22.21 -4.41
C ALA A 115 -0.18 -22.09 -5.25
N GLN A 116 0.19 -23.12 -6.00
CA GLN A 116 1.44 -23.11 -6.78
C GLN A 116 1.25 -22.35 -8.11
N ARG A 117 0.03 -21.93 -8.46
CA ARG A 117 -0.22 -21.26 -9.76
C ARG A 117 0.62 -19.99 -9.87
N PRO A 118 1.07 -19.64 -11.06
CA PRO A 118 1.82 -18.40 -11.27
C PRO A 118 0.93 -17.15 -11.16
N LEU A 119 1.59 -16.01 -11.18
CA LEU A 119 0.85 -14.73 -11.27
C LEU A 119 -0.01 -14.72 -12.53
N ASP A 120 -1.19 -14.15 -12.42
CA ASP A 120 -2.18 -14.00 -13.52
C ASP A 120 -2.80 -12.62 -13.43
N LEU A 121 -2.46 -11.76 -14.40
CA LEU A 121 -2.98 -10.37 -14.39
C LEU A 121 -4.50 -10.35 -14.39
N HIS A 122 -5.11 -11.25 -15.15
CA HIS A 122 -6.58 -11.29 -15.24
C HIS A 122 -7.16 -11.58 -13.85
N GLU A 123 -6.56 -12.53 -13.15
CA GLU A 123 -6.99 -12.87 -11.77
C GLU A 123 -6.80 -11.64 -10.87
N PHE A 124 -5.67 -10.92 -10.92
CA PHE A 124 -5.46 -9.73 -10.08
C PHE A 124 -6.41 -8.58 -10.39
N TYR A 125 -6.62 -8.29 -11.69
CA TYR A 125 -7.27 -7.04 -12.12
C TYR A 125 -8.78 -7.24 -12.37
N GLU A 126 -9.22 -8.44 -12.64
CA GLU A 126 -10.62 -8.69 -13.10
C GLU A 126 -11.31 -9.78 -12.27
N ARG A 127 -10.62 -10.86 -11.85
CA ARG A 127 -11.32 -11.99 -11.19
C ARG A 127 -10.57 -12.40 -9.92
N PRO A 128 -10.40 -11.50 -8.94
CA PRO A 128 -9.76 -11.90 -7.67
C PRO A 128 -10.59 -12.90 -6.87
N ARG A 129 -9.94 -13.89 -6.29
CA ARG A 129 -10.63 -15.00 -5.57
C ARG A 129 -10.70 -14.74 -4.09
N ASP A 130 -11.84 -15.00 -3.47
CA ASP A 130 -12.02 -14.79 -2.00
C ASP A 130 -11.26 -15.96 -1.37
N GLY A 131 -10.21 -15.69 -0.58
CA GLY A 131 -9.31 -16.72 -0.05
C GLY A 131 -7.87 -16.48 -0.44
N SER A 132 -7.61 -15.62 -1.43
CA SER A 132 -6.24 -15.16 -1.77
C SER A 132 -6.12 -13.67 -1.44
N LEU A 133 -4.91 -13.24 -1.14
CA LEU A 133 -4.58 -11.82 -0.92
C LEU A 133 -3.78 -11.35 -2.12
N TYR A 134 -4.16 -10.21 -2.67
CA TYR A 134 -3.56 -9.60 -3.87
C TYR A 134 -2.94 -8.26 -3.51
N VAL A 135 -1.63 -8.15 -3.75
CA VAL A 135 -0.88 -6.91 -3.44
C VAL A 135 -0.29 -6.32 -4.69
N GLU A 136 -0.52 -5.02 -4.88
CA GLU A 136 0.10 -4.21 -5.95
C GLU A 136 0.95 -3.14 -5.31
N ASN A 137 2.19 -3.08 -5.71
CA ASN A 137 3.09 -1.99 -5.28
C ASN A 137 3.64 -1.33 -6.55
N PHE A 138 3.21 -0.10 -6.83
CA PHE A 138 3.77 0.76 -7.90
C PHE A 138 4.74 1.74 -7.27
N ASN A 139 6.00 1.61 -7.63
CA ASN A 139 7.10 2.35 -6.99
C ASN A 139 7.82 3.19 -8.03
N ARG A 140 8.38 4.28 -7.55
CA ARG A 140 9.09 5.26 -8.41
C ARG A 140 10.43 5.62 -7.77
N TRP A 141 11.50 5.65 -8.56
CA TRP A 141 12.84 6.02 -8.06
C TRP A 141 12.92 7.51 -7.81
N VAL A 142 13.37 7.91 -6.63
CA VAL A 142 13.46 9.34 -6.25
C VAL A 142 14.80 9.60 -5.55
N THR A 143 15.27 10.86 -5.60
CA THR A 143 16.37 11.43 -4.82
CA THR A 143 16.37 11.43 -4.80
C THR A 143 15.84 12.69 -4.10
N ARG A 144 16.52 13.12 -3.04
CA ARG A 144 16.17 14.40 -2.41
C ARG A 144 16.65 15.52 -3.33
N SER A 145 15.93 16.64 -3.36
CA SER A 145 16.37 17.85 -4.12
C SER A 145 17.37 18.64 -3.28
N ALA A 146 17.38 18.48 -1.95
CA ALA A 146 18.33 19.12 -1.00
C ALA A 146 18.56 18.19 0.19
N PRO A 147 19.80 18.01 0.71
CA PRO A 147 20.01 17.21 1.91
C PRO A 147 19.09 17.63 3.06
N GLY A 148 18.61 16.66 3.82
CA GLY A 148 17.73 16.94 4.96
C GLY A 148 16.35 17.47 4.57
N SER A 149 16.03 17.72 3.29
CA SER A 149 14.65 18.11 2.88
C SER A 149 13.90 16.87 2.38
N ASN A 150 12.65 16.71 2.78
CA ASN A 150 11.79 15.60 2.32
C ASN A 150 10.75 16.08 1.34
N GLU A 151 10.79 17.37 0.92
CA GLU A 151 9.85 17.92 -0.07
C GLU A 151 10.52 18.00 -1.45
N ASP A 152 9.69 18.03 -2.48
CA ASP A 152 10.16 18.22 -3.88
C ASP A 152 11.21 17.15 -4.19
N LEU A 153 10.83 15.89 -3.99
CA LEU A 153 11.70 14.76 -4.43
C LEU A 153 11.76 14.74 -5.97
N VAL A 154 12.88 14.28 -6.46
CA VAL A 154 13.28 14.37 -7.89
C VAL A 154 13.26 12.96 -8.45
N LYS A 155 12.70 12.81 -9.65
CA LYS A 155 12.63 11.52 -10.34
C LYS A 155 14.06 11.13 -10.73
N SER A 156 14.28 9.83 -10.68
CA SER A 156 15.63 9.25 -10.81
C SER A 156 15.51 7.88 -11.45
N SER A 157 16.65 7.25 -11.70
CA SER A 157 16.72 5.88 -12.20
C SER A 157 18.13 5.44 -11.92
N PRO A 158 18.43 4.43 -11.09
CA PRO A 158 19.84 4.07 -10.89
C PRO A 158 20.43 3.49 -12.18
N PRO A 159 21.72 3.82 -12.47
CA PRO A 159 22.41 3.23 -13.63
C PRO A 159 22.29 1.71 -13.57
N GLY A 160 21.99 1.07 -14.70
CA GLY A 160 21.93 -0.39 -14.83
C GLY A 160 20.59 -0.99 -14.41
N PHE A 161 19.61 -0.15 -14.05
CA PHE A 161 18.25 -0.66 -13.75
C PHE A 161 17.69 -1.34 -14.99
N ARG A 162 17.40 -2.63 -14.91
CA ARG A 162 16.97 -3.50 -16.04
C ARG A 162 15.47 -3.74 -15.94
N ASN A 163 14.69 -2.90 -16.62
CA ASN A 163 13.24 -3.14 -16.84
C ASN A 163 12.98 -3.96 -18.12
N ASP A 164 13.99 -4.11 -18.97
N ASP A 164 13.88 -3.92 -19.08
CA ASP A 164 13.88 -4.71 -20.33
CA ASP A 164 13.75 -4.73 -20.33
C ASP A 164 13.43 -6.18 -20.27
C ASP A 164 13.69 -6.20 -19.90
N GLY A 165 13.77 -6.93 -19.20
N GLY A 165 12.76 -6.98 -20.46
CA GLY A 165 13.35 -8.33 -19.02
CA GLY A 165 12.54 -8.38 -20.05
C GLY A 165 11.84 -8.48 -18.79
C GLY A 165 11.90 -8.51 -18.67
N LEU A 166 11.23 -7.46 -18.20
CA LEU A 166 10.01 -7.68 -17.41
C LEU A 166 8.83 -7.85 -18.35
N PRO A 167 7.84 -8.65 -17.92
CA PRO A 167 6.57 -8.77 -18.64
C PRO A 167 5.79 -7.45 -18.70
N GLN A 168 4.93 -7.32 -19.73
CA GLN A 168 4.16 -6.08 -19.95
C GLN A 168 2.73 -6.19 -19.39
N LEU A 169 2.20 -5.07 -18.98
CA LEU A 169 0.77 -4.95 -18.65
C LEU A 169 0.05 -4.56 -19.93
N PRO A 170 -1.20 -5.02 -20.14
CA PRO A 170 -2.03 -4.43 -21.16
C PRO A 170 -2.53 -3.05 -20.73
N ALA A 171 -3.02 -2.30 -21.70
CA ALA A 171 -3.50 -0.92 -21.50
C ALA A 171 -4.59 -0.93 -20.43
N ALA A 172 -5.44 -1.96 -20.37
CA ALA A 172 -6.61 -2.01 -19.46
C ALA A 172 -6.19 -1.88 -17.99
N TYR A 173 -5.02 -2.39 -17.64
CA TYR A 173 -4.56 -2.61 -16.23
C TYR A 173 -3.58 -1.46 -16.02
N SER A 174 -4.04 -0.45 -15.32
CA SER A 174 -3.25 0.81 -15.27
C SER A 174 -3.23 1.33 -13.87
N PRO A 175 -2.17 1.03 -13.08
CA PRO A 175 -2.12 1.61 -11.76
C PRO A 175 -2.05 3.14 -11.91
N ARG A 176 -1.49 3.65 -12.99
CA ARG A 176 -1.38 5.13 -13.17
C ARG A 176 -2.75 5.76 -13.29
N ALA A 177 -3.68 5.21 -14.05
CA ALA A 177 -5.04 5.78 -14.17
C ALA A 177 -5.69 5.75 -12.78
N VAL A 178 -5.46 4.69 -12.02
CA VAL A 178 -6.10 4.52 -10.71
C VAL A 178 -5.61 5.63 -9.81
N TYR A 179 -4.31 5.83 -9.72
CA TYR A 179 -3.85 6.82 -8.73
C TYR A 179 -4.20 8.24 -9.19
N ARG A 180 -4.17 8.53 -10.49
CA ARG A 180 -4.56 9.88 -11.02
C ARG A 180 -6.00 10.20 -10.60
N GLU A 181 -6.91 9.25 -10.73
CA GLU A 181 -8.31 9.51 -10.34
C GLU A 181 -8.37 9.75 -8.83
N ALA A 182 -7.59 9.02 -8.03
CA ALA A 182 -7.68 9.19 -6.56
C ALA A 182 -7.17 10.57 -6.14
N ARG A 183 -6.16 11.11 -6.80
CA ARG A 183 -5.58 12.42 -6.46
C ARG A 183 -6.62 13.51 -6.69
N THR A 184 -7.48 13.26 -7.68
CA THR A 184 -8.54 14.22 -8.12
C THR A 184 -9.75 14.11 -7.21
N ALA A 185 -10.20 12.88 -6.93
CA ALA A 185 -11.46 12.62 -6.23
C ALA A 185 -11.31 12.53 -4.71
N HIS A 186 -10.09 12.29 -4.20
CA HIS A 186 -9.85 12.05 -2.75
C HIS A 186 -10.58 10.79 -2.30
N THR A 187 -10.67 9.83 -3.20
CA THR A 187 -11.22 8.48 -2.92
C THR A 187 -10.83 7.61 -4.11
N PHE A 188 -10.77 6.30 -3.87
CA PHE A 188 -10.58 5.27 -4.91
C PHE A 188 -11.92 4.65 -5.30
N ARG A 189 -13.00 5.05 -4.66
CA ARG A 189 -14.37 4.52 -4.94
C ARG A 189 -15.28 5.72 -5.22
N ALA A 190 -15.60 5.94 -6.49
CA ALA A 190 -16.32 7.14 -6.97
C ALA A 190 -17.53 7.47 -6.07
N LEU A 191 -17.70 8.75 -5.71
CA LEU A 191 -18.76 9.19 -4.79
C LEU A 191 -20.13 8.85 -5.36
N ASP A 192 -20.24 8.76 -6.68
CA ASP A 192 -21.53 8.45 -7.38
C ASP A 192 -21.75 6.93 -7.44
N GLU A 193 -20.82 6.12 -6.92
CA GLU A 193 -21.02 4.66 -6.92
C GLU A 193 -22.34 4.32 -6.21
N PRO A 194 -23.24 3.54 -6.86
CA PRO A 194 -24.54 3.24 -6.26
C PRO A 194 -24.39 2.34 -5.04
N GLY A 195 -25.38 2.41 -4.14
CA GLY A 195 -25.54 1.43 -3.05
C GLY A 195 -24.80 1.84 -1.79
N PHE A 196 -24.52 3.13 -1.65
CA PHE A 196 -23.83 3.71 -0.48
C PHE A 196 -24.50 5.02 -0.11
N ARG A 197 -24.45 5.36 1.16
CA ARG A 197 -24.89 6.67 1.69
C ARG A 197 -23.75 7.25 2.53
N LEU A 198 -23.45 8.51 2.30
CA LEU A 198 -22.42 9.24 3.06
C LEU A 198 -22.97 9.62 4.44
N LEU A 199 -22.32 9.19 5.53
CA LEU A 199 -22.71 9.67 6.88
C LEU A 199 -22.29 11.12 7.01
N PRO A 200 -23.05 11.94 7.77
CA PRO A 200 -22.66 13.33 8.01
C PRO A 200 -21.42 13.49 8.89
N ASP A 201 -21.14 12.51 9.76
CA ASP A 201 -20.01 12.56 10.72
C ASP A 201 -18.69 12.44 9.96
N THR A 202 -17.77 13.38 10.19
CA THR A 202 -16.37 13.37 9.71
C THR A 202 -15.43 13.77 10.84
N VAL A 203 -14.13 13.54 10.69
CA VAL A 203 -13.11 13.95 11.67
C VAL A 203 -11.99 14.66 10.91
N GLU A 204 -11.31 15.55 11.59
CA GLU A 204 -10.09 16.17 11.10
C GLU A 204 -9.12 16.15 12.29
N VAL A 205 -8.06 15.35 12.24
CA VAL A 205 -7.14 15.11 13.39
C VAL A 205 -5.80 15.79 13.07
N GLU A 206 -5.25 16.59 13.96
CA GLU A 206 -3.88 17.14 13.79
C GLU A 206 -2.91 16.07 14.27
N HIS A 207 -1.89 15.74 13.46
CA HIS A 207 -0.89 14.71 13.76
C HIS A 207 0.48 15.29 13.51
N PRO A 208 1.19 15.75 14.56
CA PRO A 208 2.61 16.05 14.40
C PRO A 208 3.35 14.79 13.96
N VAL A 209 4.30 14.93 13.07
CA VAL A 209 5.11 13.74 12.67
C VAL A 209 5.71 13.12 13.95
N ASP A 210 5.57 11.81 14.12
CA ASP A 210 6.06 11.12 15.33
C ASP A 210 7.50 10.68 15.02
N ILE A 211 8.51 11.30 15.61
CA ILE A 211 9.91 11.07 15.17
C ILE A 211 10.39 9.75 15.78
N VAL A 212 9.65 9.18 16.72
CA VAL A 212 9.94 7.83 17.29
C VAL A 212 9.37 6.76 16.33
N ARG A 213 8.17 6.91 15.80
CA ARG A 213 7.43 5.83 15.10
C ARG A 213 7.16 6.05 13.59
N ASP A 214 7.33 7.22 13.00
CA ASP A 214 6.84 7.54 11.64
C ASP A 214 8.09 7.53 10.71
N VAL A 215 9.32 7.52 11.21
CA VAL A 215 10.54 7.89 10.41
C VAL A 215 11.35 6.64 10.05
N ASN A 216 11.81 6.56 8.82
CA ASN A 216 12.63 5.43 8.35
C ASN A 216 14.13 5.68 8.56
N GLY A 217 14.90 4.68 8.14
CA GLY A 217 16.36 4.62 8.29
C GLY A 217 17.09 5.61 7.40
N VAL A 218 16.39 6.37 6.53
CA VAL A 218 17.06 7.45 5.72
C VAL A 218 16.38 8.79 5.98
N GLY A 219 15.60 8.91 7.06
CA GLY A 219 15.06 10.19 7.53
C GLY A 219 13.83 10.69 6.77
N LEU A 220 13.20 9.83 5.95
CA LEU A 220 11.89 10.11 5.31
C LEU A 220 10.76 9.62 6.18
N LEU A 221 9.53 10.12 5.97
CA LEU A 221 8.36 9.40 6.51
C LEU A 221 8.30 8.02 5.88
N TYR A 222 8.18 7.00 6.72
CA TYR A 222 8.21 5.57 6.32
C TYR A 222 6.88 5.21 5.66
N PHE A 223 6.94 4.50 4.54
CA PHE A 223 5.69 4.20 3.78
C PHE A 223 4.71 3.47 4.69
N ALA A 224 5.14 2.58 5.60
CA ALA A 224 4.17 1.81 6.40
C ALA A 224 3.44 2.74 7.38
N SER A 225 4.10 3.81 7.84
CA SER A 225 3.51 4.71 8.85
CA SER A 225 3.57 4.78 8.82
C SER A 225 2.35 5.50 8.23
N TYR A 226 2.27 5.61 6.91
CA TYR A 226 1.04 6.20 6.28
C TYR A 226 -0.16 5.32 6.57
N PHE A 227 0.00 4.00 6.55
CA PHE A 227 -1.11 3.10 6.92
C PHE A 227 -1.50 3.31 8.39
N SER A 228 -0.54 3.50 9.31
CA SER A 228 -0.83 3.75 10.73
C SER A 228 -1.61 5.07 10.85
N MET A 229 -1.17 6.11 10.15
CA MET A 229 -1.85 7.46 10.23
C MET A 229 -3.28 7.30 9.70
N VAL A 230 -3.45 6.56 8.63
CA VAL A 230 -4.81 6.34 8.09
C VAL A 230 -5.66 5.65 9.14
N ASP A 231 -5.14 4.60 9.80
CA ASP A 231 -5.93 3.89 10.82
C ASP A 231 -6.17 4.80 12.03
N LYS A 232 -5.27 5.71 12.38
CA LYS A 232 -5.53 6.68 13.48
C LYS A 232 -6.74 7.51 13.10
N ALA A 233 -6.82 7.98 11.87
CA ALA A 233 -7.98 8.78 11.41
C ALA A 233 -9.22 7.89 11.45
N ALA A 234 -9.12 6.67 10.95
CA ALA A 234 -10.28 5.75 10.92
C ALA A 234 -10.79 5.50 12.34
N LEU A 235 -9.89 5.31 13.30
CA LEU A 235 -10.25 5.04 14.70
C LEU A 235 -10.92 6.32 15.28
N ALA A 236 -10.41 7.51 14.96
CA ALA A 236 -11.03 8.78 15.43
C ALA A 236 -12.50 8.81 14.95
N LEU A 237 -12.72 8.50 13.68
CA LEU A 237 -14.11 8.49 13.13
C LEU A 237 -14.96 7.39 13.79
N TRP A 238 -14.41 6.20 14.01
CA TRP A 238 -15.09 5.05 14.64
C TRP A 238 -15.56 5.44 16.03
N ARG A 239 -14.72 6.18 16.77
CA ARG A 239 -15.03 6.61 18.16
C ARG A 239 -16.08 7.72 18.08
N ARG A 240 -15.98 8.61 17.10
CA ARG A 240 -16.97 9.70 16.89
C ARG A 240 -18.35 9.08 16.66
N LEU A 241 -18.44 7.90 16.05
CA LEU A 241 -19.73 7.20 15.77
C LEU A 241 -20.19 6.37 16.98
N GLY A 242 -19.49 6.43 18.11
CA GLY A 242 -19.86 5.75 19.37
C GLY A 242 -19.55 4.26 19.37
N ARG A 243 -18.66 3.79 18.50
CA ARG A 243 -18.33 2.36 18.35
C ARG A 243 -17.11 2.00 19.23
N SER A 244 -16.97 0.72 19.58
CA SER A 244 -16.04 0.29 20.66
C SER A 244 -14.65 -0.03 20.10
N ASP A 245 -13.63 -0.01 20.95
CA ASP A 245 -12.25 -0.46 20.60
C ASP A 245 -12.23 -1.93 20.20
N ARG A 246 -12.95 -2.81 20.90
CA ARG A 246 -12.93 -4.26 20.55
C ARG A 246 -13.50 -4.41 19.15
N ALA A 247 -14.53 -3.61 18.82
CA ALA A 247 -15.21 -3.71 17.51
C ALA A 247 -14.23 -3.20 16.42
N PHE A 248 -13.46 -2.16 16.71
CA PHE A 248 -12.43 -1.66 15.75
C PHE A 248 -11.42 -2.77 15.46
N LEU A 249 -11.00 -3.50 16.51
CA LEU A 249 -10.01 -4.59 16.34
C LEU A 249 -10.62 -5.80 15.64
N ARG A 250 -11.95 -5.89 15.54
CA ARG A 250 -12.63 -6.97 14.80
C ARG A 250 -12.87 -6.58 13.32
N ARG A 251 -12.58 -5.35 12.89
CA ARG A 251 -12.91 -4.92 11.50
C ARG A 251 -12.21 -5.80 10.48
N VAL A 252 -12.95 -6.14 9.45
CA VAL A 252 -12.45 -6.93 8.30
C VAL A 252 -12.23 -5.95 7.15
N VAL A 253 -10.97 -5.72 6.81
CA VAL A 253 -10.61 -4.80 5.70
C VAL A 253 -10.43 -5.68 4.48
N VAL A 254 -11.42 -5.68 3.56
CA VAL A 254 -11.35 -6.56 2.38
C VAL A 254 -10.64 -5.90 1.23
N ASP A 255 -10.39 -4.58 1.29
CA ASP A 255 -9.66 -3.90 0.21
C ASP A 255 -9.15 -2.59 0.75
N GLN A 256 -7.89 -2.29 0.47
CA GLN A 256 -7.37 -0.94 0.84
C GLN A 256 -6.45 -0.45 -0.27
N GLN A 257 -6.55 0.84 -0.62
CA GLN A 257 -5.73 1.50 -1.66
C GLN A 257 -5.14 2.76 -1.04
N MET A 258 -3.87 3.01 -1.34
CA MET A 258 -3.10 4.14 -0.80
C MET A 258 -2.37 4.78 -1.97
N CYS A 259 -2.45 6.08 -2.12
CA CYS A 259 -1.56 6.86 -2.99
C CYS A 259 -0.69 7.80 -2.16
N TYR A 260 0.62 7.72 -2.32
CA TYR A 260 1.65 8.56 -1.68
C TYR A 260 2.00 9.72 -2.58
N LEU A 261 1.33 10.86 -2.40
CA LEU A 261 1.57 12.03 -3.27
C LEU A 261 2.82 12.78 -2.86
N GLY A 262 3.21 12.68 -1.60
CA GLY A 262 4.40 13.37 -1.12
C GLY A 262 4.94 12.74 0.16
N ASN A 263 6.11 13.16 0.54
CA ASN A 263 6.70 12.88 1.86
C ASN A 263 6.56 14.19 2.65
N ALA A 264 7.24 14.32 3.75
CA ALA A 264 7.07 15.51 4.62
C ALA A 264 8.27 15.65 5.53
N ASP A 265 8.69 16.88 5.80
CA ASP A 265 9.77 17.16 6.74
C ASP A 265 9.38 16.68 8.14
N LEU A 266 10.38 16.34 8.96
CA LEU A 266 10.11 15.66 10.24
C LEU A 266 9.54 16.62 11.29
N ASP A 267 9.51 17.91 11.01
CA ASP A 267 8.87 18.88 11.95
C ASP A 267 7.47 19.25 11.49
N SER A 268 6.95 18.60 10.46
CA SER A 268 5.60 18.91 9.94
C SER A 268 4.51 18.51 10.93
N VAL A 269 3.41 19.26 10.88
CA VAL A 269 2.16 18.90 11.51
C VAL A 269 1.20 18.53 10.39
N LEU A 270 0.78 17.28 10.33
CA LEU A 270 -0.12 16.79 9.27
C LEU A 270 -1.54 16.85 9.77
N THR A 271 -2.48 16.86 8.85
CA THR A 271 -3.92 16.80 9.12
C THR A 271 -4.46 15.51 8.49
N LEU A 272 -5.22 14.76 9.26
CA LEU A 272 -5.79 13.48 8.81
C LEU A 272 -7.30 13.72 8.75
N GLY A 273 -7.89 13.74 7.58
CA GLY A 273 -9.34 13.91 7.40
C GLY A 273 -9.99 12.59 7.09
N ALA A 274 -11.13 12.22 7.68
CA ALA A 274 -11.79 10.96 7.35
C ALA A 274 -13.29 11.15 7.22
N ARG A 275 -13.85 10.42 6.28
CA ARG A 275 -15.31 10.34 6.03
C ARG A 275 -15.72 8.91 5.74
N VAL A 276 -17.01 8.60 5.86
CA VAL A 276 -17.46 7.21 5.70
C VAL A 276 -18.79 7.16 4.93
N ARG A 277 -18.88 6.18 4.07
CA ARG A 277 -20.12 5.79 3.34
C ARG A 277 -20.54 4.43 3.86
N VAL A 278 -21.83 4.26 4.16
CA VAL A 278 -22.35 2.93 4.60
C VAL A 278 -23.13 2.33 3.45
N SER A 279 -23.15 1.00 3.40
CA SER A 279 -23.91 0.26 2.37
C SER A 279 -25.41 0.38 2.69
N THR A 280 -26.22 0.61 1.66
CA THR A 280 -27.70 0.51 1.70
C THR A 280 -28.10 -0.91 1.25
N GLU A 281 -27.19 -1.69 0.66
CA GLU A 281 -27.43 -3.12 0.31
C GLU A 281 -27.08 -3.99 1.52
N THR A 282 -25.80 -4.02 1.92
CA THR A 282 -25.21 -5.02 2.85
C THR A 282 -24.96 -4.39 4.21
N PRO A 283 -25.63 -4.86 5.28
CA PRO A 283 -25.34 -4.38 6.63
C PRO A 283 -23.84 -4.51 6.94
N GLY A 284 -23.28 -3.56 7.67
CA GLY A 284 -21.90 -3.57 8.19
C GLY A 284 -20.86 -3.28 7.11
N GLU A 285 -21.23 -3.04 5.85
CA GLU A 285 -20.22 -2.74 4.77
C GLU A 285 -20.03 -1.23 4.69
N GLU A 286 -18.79 -0.74 4.72
CA GLU A 286 -18.52 0.70 4.67
C GLU A 286 -17.31 0.99 3.76
N LEU A 287 -17.24 2.19 3.27
CA LEU A 287 -16.08 2.75 2.54
C LEU A 287 -15.60 3.93 3.35
N VAL A 288 -14.35 3.87 3.80
CA VAL A 288 -13.77 4.96 4.60
C VAL A 288 -12.71 5.63 3.72
N ASP A 289 -12.79 6.94 3.57
CA ASP A 289 -11.77 7.73 2.84
C ASP A 289 -10.99 8.56 3.83
N VAL A 290 -9.65 8.48 3.69
CA VAL A 290 -8.74 9.30 4.49
C VAL A 290 -7.84 10.11 3.57
N VAL A 291 -7.71 11.41 3.89
CA VAL A 291 -6.82 12.32 3.17
C VAL A 291 -5.82 12.86 4.19
N ILE A 292 -4.53 12.78 3.89
CA ILE A 292 -3.47 13.33 4.72
C ILE A 292 -2.95 14.59 4.03
N SER A 293 -3.03 15.72 4.76
CA SER A 293 -2.60 17.03 4.24
C SER A 293 -1.40 17.54 5.04
N ASP A 294 -0.54 18.30 4.37
CA ASP A 294 0.49 19.16 4.95
C ASP A 294 0.05 20.62 4.69
N ARG A 295 -0.68 21.14 5.66
CA ARG A 295 -1.31 22.49 5.51
C ARG A 295 -0.23 23.57 5.24
N ASP A 296 0.88 23.54 5.97
CA ASP A 296 1.94 24.57 5.84
C ASP A 296 2.45 24.66 4.41
N SER A 297 2.53 23.55 3.66
CA SER A 297 3.10 23.55 2.30
C SER A 297 1.96 23.52 1.28
N GLY A 298 0.71 23.44 1.72
CA GLY A 298 -0.43 23.37 0.81
C GLY A 298 -0.55 22.10 -0.01
N ARG A 299 -0.03 20.98 0.50
CA ARG A 299 -0.02 19.70 -0.26
C ARG A 299 -0.92 18.66 0.39
N VAL A 300 -1.62 17.94 -0.48
CA VAL A 300 -2.19 16.61 -0.12
C VAL A 300 -1.02 15.61 -0.30
N ILE A 301 -0.65 14.92 0.78
CA ILE A 301 0.49 13.96 0.66
C ILE A 301 0.03 12.51 0.61
N ALA A 302 -1.21 12.19 0.94
CA ALA A 302 -1.73 10.84 0.72
C ALA A 302 -3.25 10.83 0.64
N VAL A 303 -3.76 9.82 -0.07
CA VAL A 303 -5.20 9.46 -0.07
C VAL A 303 -5.31 7.96 0.16
N SER A 304 -6.28 7.54 0.95
CA SER A 304 -6.54 6.10 1.16
C SER A 304 -8.04 5.85 1.16
N THR A 305 -8.44 4.72 0.60
CA THR A 305 -9.80 4.19 0.74
C THR A 305 -9.77 2.79 1.32
N LEU A 306 -10.53 2.55 2.36
CA LEU A 306 -10.70 1.21 2.96
C LEU A 306 -12.10 0.73 2.68
N HIS A 307 -12.20 -0.48 2.20
CA HIS A 307 -13.50 -1.21 2.11
C HIS A 307 -13.57 -2.20 3.25
N THR A 308 -14.53 -2.04 4.15
CA THR A 308 -14.62 -2.84 5.39
C THR A 308 -15.96 -3.54 5.51
N GLN A 309 -15.96 -4.60 6.33
CA GLN A 309 -17.15 -5.35 6.83
C GLN A 309 -16.98 -5.46 8.35
N HIS A 310 -17.99 -5.09 9.14
CA HIS A 310 -17.87 -4.99 10.64
C HIS A 310 -19.19 -5.44 11.29
O5' YXS B . 7.08 13.29 -11.76
P1 YXS B . 6.35 14.69 -11.37
O11 YXS B . 5.57 15.33 -12.55
O12 YXS B . 7.28 15.68 -10.67
O6 YXS B . 5.30 14.25 -10.24
P2 YXS B . 5.39 14.84 -8.73
O21 YXS B . 4.00 14.57 -8.19
O22 YXS B . 6.01 16.22 -8.50
O7 YXS B . 6.46 13.87 -7.96
CPB YXS B . 6.51 12.47 -8.18
CPA YXS B . 6.77 11.82 -6.82
CP9 YXS B . 7.26 10.36 -6.79
CP8 YXS B . 8.17 12.52 -6.60
CP7 YXS B . 6.11 12.47 -5.62
OP3 YXS B . 4.71 12.12 -5.80
CP6 YXS B . 6.49 11.95 -4.25
OP2 YXS B . 7.42 12.44 -3.68
NP2 YXS B . 5.71 10.99 -3.68
CP5 YXS B . 5.88 10.52 -2.31
CP4 YXS B . 6.62 9.15 -2.25
CP3 YXS B . 6.78 8.75 -0.84
OP1 YXS B . 7.22 9.57 -0.02
NP1 YXS B . 6.53 7.47 -0.47
CP2 YXS B . 6.66 7.00 0.91
CP1 YXS B . 8.09 6.92 1.43
S YXS B . 8.77 5.52 0.43
CS1 YXS B . 10.31 5.80 0.81
OS1 YXS B . 10.86 6.82 0.46
CS2 YXS B . 10.94 4.69 1.54
CS3 YXS B . 10.76 3.53 0.58
SS4 YXS B . 10.19 4.34 2.98
O56 YXS B . 10.82 3.11 3.52
OS5 YXS B . 10.60 5.37 3.98
OS4 YXS B . 8.75 4.41 2.84
O5' YXR C . 7.08 13.29 -11.76
P1 YXR C . 6.35 14.69 -11.37
O11 YXR C . 5.57 15.33 -12.55
O12 YXR C . 7.28 15.68 -10.67
O6 YXR C . 5.30 14.25 -10.24
P2 YXR C . 5.39 14.84 -8.73
O21 YXR C . 4.00 14.57 -8.19
O22 YXR C . 6.01 16.22 -8.50
O7 YXR C . 6.46 13.87 -7.96
CPB YXR C . 6.51 12.47 -8.18
CPA YXR C . 6.77 11.82 -6.82
CP9 YXR C . 7.26 10.36 -6.79
CP8 YXR C . 8.17 12.52 -6.60
CP7 YXR C . 6.11 12.47 -5.62
OP3 YXR C . 4.71 12.12 -5.80
CP6 YXR C . 6.49 11.95 -4.25
OP2 YXR C . 7.42 12.44 -3.68
NP2 YXR C . 5.71 10.99 -3.68
CP5 YXR C . 5.88 10.52 -2.31
CP4 YXR C . 6.62 9.15 -2.25
CP3 YXR C . 6.78 8.75 -0.84
OP1 YXR C . 7.22 9.57 -0.02
NP1 YXR C . 6.53 7.47 -0.47
CP2 YXR C . 6.66 7.00 0.91
CP1 YXR C . 8.09 6.92 1.43
S YXR C . 8.77 5.52 0.43
CS1 YXR C . 10.36 5.64 0.74
OS1 YXR C . 10.99 6.59 0.31
CS2 YXR C . 10.95 4.53 1.49
CS3 YXR C . 12.47 4.74 1.54
SS4 YXR C . 10.19 4.34 2.98
O56 YXR C . 10.82 3.11 3.52
OS5 YXR C . 10.60 5.37 3.98
OS4 YXR C . 8.75 4.41 2.84
S SO4 D . 1.92 11.29 -12.75
O1 SO4 D . 2.71 12.25 -13.53
O2 SO4 D . 0.51 11.60 -12.99
O3 SO4 D . 2.31 11.40 -11.30
O4 SO4 D . 2.22 9.93 -13.22
S SO4 E . -11.45 -2.67 -8.92
O1 SO4 E . -12.68 -2.44 -9.67
O2 SO4 E . -10.50 -3.38 -9.76
O3 SO4 E . -10.88 -1.40 -8.52
O4 SO4 E . -11.74 -3.47 -7.77
S SO4 F . 7.68 8.29 -14.94
O1 SO4 F . 6.58 8.74 -15.77
O2 SO4 F . 8.94 8.49 -15.63
O3 SO4 F . 7.69 9.05 -13.71
O4 SO4 F . 7.49 6.88 -14.63
S SO4 G . -18.33 -4.62 21.52
O1 SO4 G . -18.99 -3.42 21.07
O2 SO4 G . -17.42 -5.09 20.50
O3 SO4 G . -17.59 -4.39 22.74
O4 SO4 G . -19.31 -5.65 21.74
#